data_5ROQ
#
_entry.id   5ROQ
#
_cell.length_a   68.020
_cell.length_b   68.020
_cell.length_c   102.230
_cell.angle_alpha   90.000
_cell.angle_beta   90.000
_cell.angle_gamma   90.000
#
_symmetry.space_group_name_H-M   'P 43 21 2'
#
loop_
_entity.id
_entity.type
_entity.pdbx_description
1 polymer 'Proteinase K'
2 non-polymer 'SULFATE ION'
3 non-polymer '(2R)-(3-chlorophenyl)(hydroxy)ethanoic acid'
4 water water
#
_entity_poly.entity_id   1
_entity_poly.type   'polypeptide(L)'
_entity_poly.pdbx_seq_one_letter_code
;AAQTNAPWGLARISSTSPGTSTYYYDESAGQGSCVYVIDTGIEASHPEFEGRAQMVKTYYYSSRDGNGHGTHCAGTVGSR
TYGVAKKTQLFGVKVLDDNGSGQYSTIIAGMDFVASDKNNRNCPKGVVASLSLGGGYSSSVNSAAARLQSSGVMVAVAAG
NNNADARNYSPASEPSVCTVGASDRYDRRSSFSNYGSVLDIFGPGTDILSTWIGGSTRSISGTSMATPHVAGLAAYLMTL
GKTTAASACRYIADTANKGDLSNIPFGTVNLLAYNNYQA
;
_entity_poly.pdbx_strand_id   A
#
loop_
_chem_comp.id
_chem_comp.type
_chem_comp.name
_chem_comp.formula
47E non-polymer '(2R)-(3-chlorophenyl)(hydroxy)ethanoic acid' 'C8 H7 Cl O3'
SO4 non-polymer 'SULFATE ION' 'O4 S -2'
#
# COMPACT_ATOMS: atom_id res chain seq x y z
N ALA A 1 -20.30 -7.67 -0.16
CA ALA A 1 -19.99 -8.16 -1.50
C ALA A 1 -18.97 -9.29 -1.43
N ALA A 2 -19.02 -10.18 -2.41
CA ALA A 2 -18.13 -11.33 -2.50
C ALA A 2 -17.53 -11.40 -3.90
N GLN A 3 -16.20 -11.44 -3.97
CA GLN A 3 -15.47 -11.63 -5.22
C GLN A 3 -14.91 -13.06 -5.18
N THR A 4 -15.46 -13.94 -6.00
CA THR A 4 -14.96 -15.29 -6.05
C THR A 4 -13.66 -15.34 -6.85
N ASN A 5 -12.88 -16.39 -6.59
CA ASN A 5 -11.60 -16.61 -7.26
C ASN A 5 -10.74 -15.36 -7.22
N ALA A 6 -10.64 -14.76 -6.04
CA ALA A 6 -9.84 -13.58 -5.86
C ALA A 6 -8.38 -13.94 -5.66
N PRO A 7 -7.45 -13.01 -5.90
CA PRO A 7 -6.06 -13.25 -5.50
C PRO A 7 -6.01 -13.57 -4.03
N TRP A 8 -5.06 -14.45 -3.66
CA TRP A 8 -5.04 -14.96 -2.28
C TRP A 8 -4.94 -13.83 -1.26
N GLY A 9 -4.22 -12.76 -1.59
CA GLY A 9 -4.04 -11.69 -0.63
C GLY A 9 -5.31 -10.94 -0.31
N LEU A 10 -6.17 -10.73 -1.32
CA LEU A 10 -7.47 -10.13 -1.05
C LEU A 10 -8.31 -11.04 -0.17
N ALA A 11 -8.37 -12.33 -0.51
CA ALA A 11 -9.09 -13.27 0.35
C ALA A 11 -8.53 -13.25 1.76
N ARG A 12 -7.21 -13.16 1.90
CA ARG A 12 -6.60 -13.20 3.22
C ARG A 12 -7.04 -12.01 4.07
N ILE A 13 -7.10 -10.82 3.48
CA ILE A 13 -7.40 -9.64 4.27
C ILE A 13 -8.84 -9.59 4.74
N SER A 14 -9.73 -10.43 4.20
CA SER A 14 -11.09 -10.52 4.71
C SER A 14 -11.38 -11.83 5.42
N SER A 15 -10.34 -12.53 5.87
CA SER A 15 -10.51 -13.84 6.46
C SER A 15 -9.82 -13.97 7.81
N THR A 16 -10.45 -14.74 8.68
CA THR A 16 -9.80 -15.17 9.92
C THR A 16 -8.88 -16.37 9.72
N SER A 17 -8.78 -16.92 8.51
CA SER A 17 -7.96 -18.09 8.23
C SER A 17 -7.31 -17.99 6.87
N PRO A 18 -6.11 -18.53 6.71
CA PRO A 18 -5.54 -18.69 5.37
C PRO A 18 -6.27 -19.79 4.62
N GLY A 19 -5.98 -19.88 3.33
CA GLY A 19 -6.47 -21.00 2.54
C GLY A 19 -7.84 -20.84 1.94
N THR A 20 -8.36 -19.63 1.83
CA THR A 20 -9.60 -19.38 1.13
C THR A 20 -9.34 -18.48 -0.06
N SER A 21 -10.34 -18.36 -0.94
CA SER A 21 -10.12 -17.69 -2.21
C SER A 21 -11.22 -16.69 -2.59
N THR A 22 -12.11 -16.34 -1.67
CA THR A 22 -13.14 -15.35 -1.92
C THR A 22 -12.86 -14.13 -1.06
N TYR A 23 -12.91 -12.94 -1.67
CA TYR A 23 -12.72 -11.68 -0.97
C TYR A 23 -14.09 -11.09 -0.63
N TYR A 24 -14.30 -10.77 0.65
CA TYR A 24 -15.56 -10.21 1.13
C TYR A 24 -15.32 -8.78 1.61
N TYR A 25 -16.18 -7.86 1.19
CA TYR A 25 -15.96 -6.46 1.54
C TYR A 25 -17.27 -5.70 1.41
N ASP A 26 -17.38 -4.62 2.17
CA ASP A 26 -18.52 -3.72 2.03
C ASP A 26 -18.54 -3.04 0.67
N GLU A 27 -19.72 -3.01 0.05
CA GLU A 27 -19.84 -2.49 -1.32
C GLU A 27 -19.44 -1.03 -1.46
N SER A 28 -19.35 -0.26 -0.37
CA SER A 28 -18.88 1.12 -0.50
C SER A 28 -17.49 1.16 -1.14
N ALA A 29 -16.65 0.17 -0.84
CA ALA A 29 -15.45 -0.12 -1.63
C ALA A 29 -14.48 1.07 -1.75
N GLY A 30 -14.39 1.92 -0.73
CA GLY A 30 -13.50 3.05 -0.82
C GLY A 30 -14.00 4.22 -1.65
N GLN A 31 -15.26 4.21 -2.08
CA GLN A 31 -15.80 5.33 -2.83
C GLN A 31 -15.66 6.61 -2.01
N GLY A 32 -15.21 7.69 -2.66
CA GLY A 32 -15.06 8.96 -1.98
C GLY A 32 -13.72 9.16 -1.31
N SER A 33 -12.87 8.13 -1.30
CA SER A 33 -11.50 8.24 -0.83
C SER A 33 -10.56 8.40 -2.01
N CYS A 34 -9.30 8.71 -1.70
CA CYS A 34 -8.27 8.83 -2.71
C CYS A 34 -7.00 8.18 -2.20
N VAL A 35 -6.28 7.51 -3.08
CA VAL A 35 -4.98 6.92 -2.74
C VAL A 35 -3.95 7.40 -3.75
N TYR A 36 -2.89 8.02 -3.26
CA TYR A 36 -1.74 8.38 -4.07
C TYR A 36 -0.77 7.21 -4.08
N VAL A 37 -0.31 6.84 -5.26
CA VAL A 37 0.69 5.79 -5.44
C VAL A 37 1.95 6.48 -5.92
N ILE A 38 2.94 6.56 -5.03
CA ILE A 38 4.16 7.34 -5.26
C ILE A 38 5.21 6.31 -5.68
N ASP A 39 5.54 6.26 -6.97
CA ASP A 39 6.21 5.09 -7.50
C ASP A 39 6.72 5.37 -8.92
N THR A 40 6.70 4.37 -9.81
CA THR A 40 7.16 4.51 -11.18
C THR A 40 6.08 5.04 -12.12
N GLY A 41 4.91 5.39 -11.60
CA GLY A 41 3.78 5.78 -12.42
C GLY A 41 2.67 4.73 -12.37
N ILE A 42 1.62 5.01 -13.12
CA ILE A 42 0.46 4.12 -13.26
C ILE A 42 0.01 4.15 -14.71
N GLU A 43 -0.19 2.96 -15.29
CA GLU A 43 -0.82 2.86 -16.61
C GLU A 43 -2.31 3.05 -16.42
N ALA A 44 -2.74 4.31 -16.40
CA ALA A 44 -4.13 4.62 -16.08
C ALA A 44 -5.11 4.09 -17.11
N SER A 45 -4.65 3.84 -18.35
CA SER A 45 -5.52 3.31 -19.39
C SER A 45 -5.85 1.84 -19.20
N HIS A 46 -5.21 1.15 -18.26
CA HIS A 46 -5.51 -0.26 -18.06
C HIS A 46 -6.99 -0.44 -17.77
N PRO A 47 -7.68 -1.34 -18.49
CA PRO A 47 -9.12 -1.53 -18.23
C PRO A 47 -9.44 -1.80 -16.78
N GLU A 48 -8.50 -2.40 -16.04
CA GLU A 48 -8.73 -2.73 -14.63
C GLU A 48 -8.96 -1.50 -13.76
N PHE A 49 -8.54 -0.31 -14.20
CA PHE A 49 -8.71 0.89 -13.40
C PHE A 49 -10.02 1.63 -13.68
N GLU A 50 -10.69 1.32 -14.79
CA GLU A 50 -12.06 1.79 -15.02
C GLU A 50 -12.19 3.30 -15.05
N GLY A 51 -11.14 4.01 -15.45
CA GLY A 51 -11.18 5.46 -15.45
C GLY A 51 -10.95 6.11 -14.11
N ARG A 52 -10.70 5.33 -13.04
CA ARG A 52 -10.50 5.87 -11.71
C ARG A 52 -9.06 6.20 -11.40
N ALA A 53 -8.13 5.93 -12.30
CA ALA A 53 -6.72 6.25 -12.09
C ALA A 53 -6.30 7.39 -13.01
N GLN A 54 -5.37 8.20 -12.52
CA GLN A 54 -4.81 9.28 -13.32
C GLN A 54 -3.42 9.59 -12.79
N MET A 55 -2.53 9.98 -13.69
CA MET A 55 -1.26 10.56 -13.27
C MET A 55 -1.44 12.05 -12.95
N VAL A 56 -0.89 12.47 -11.82
CA VAL A 56 -0.97 13.87 -11.44
C VAL A 56 0.39 14.57 -11.41
N LYS A 57 1.50 13.84 -11.41
CA LYS A 57 2.81 14.47 -11.28
C LYS A 57 3.87 13.49 -11.74
N THR A 58 4.86 14.02 -12.45
CA THR A 58 6.07 13.28 -12.75
C THR A 58 7.27 14.21 -12.64
N TYR A 59 8.43 13.64 -12.31
CA TYR A 59 9.69 14.36 -12.28
C TYR A 59 10.59 13.98 -13.46
N TYR A 60 10.05 13.22 -14.42
CA TYR A 60 10.79 12.66 -15.53
C TYR A 60 10.10 13.05 -16.85
N TYR A 61 10.70 12.62 -17.96
CA TYR A 61 10.24 13.05 -19.28
C TYR A 61 8.84 12.55 -19.61
N SER A 62 8.34 11.56 -18.90
CA SER A 62 6.99 11.07 -19.12
C SER A 62 6.37 10.77 -17.76
N SER A 63 5.05 10.83 -17.71
CA SER A 63 4.32 10.32 -16.57
C SER A 63 3.94 8.86 -16.71
N ARG A 64 4.21 8.27 -17.87
CA ARG A 64 3.87 6.87 -18.07
C ARG A 64 4.76 5.95 -17.23
N ASP A 65 4.17 4.83 -16.83
CA ASP A 65 4.90 3.78 -16.13
C ASP A 65 5.60 2.93 -17.18
N GLY A 66 6.90 3.12 -17.36
CA GLY A 66 7.67 2.28 -18.25
C GLY A 66 8.29 1.08 -17.55
N ASN A 67 7.93 0.83 -16.30
CA ASN A 67 8.49 -0.26 -15.52
C ASN A 67 7.46 -1.35 -15.25
N GLY A 68 6.32 -0.98 -14.65
CA GLY A 68 5.29 -1.92 -14.24
C GLY A 68 5.05 -1.90 -12.75
N HIS A 69 6.10 -1.61 -11.96
CA HIS A 69 6.00 -1.70 -10.50
C HIS A 69 4.86 -0.82 -9.96
N GLY A 70 4.81 0.45 -10.39
CA GLY A 70 3.78 1.34 -9.88
C GLY A 70 2.39 0.91 -10.30
N THR A 71 2.27 0.39 -11.52
CA THR A 71 0.98 -0.12 -12.00
C THR A 71 0.53 -1.31 -11.18
N HIS A 72 1.47 -2.19 -10.81
CA HIS A 72 1.13 -3.36 -10.00
C HIS A 72 0.63 -2.93 -8.63
N CYS A 73 1.37 -2.01 -7.99
CA CYS A 73 0.99 -1.52 -6.68
C CYS A 73 -0.37 -0.83 -6.74
N ALA A 74 -0.57 0.02 -7.75
CA ALA A 74 -1.87 0.69 -7.88
C ALA A 74 -2.99 -0.31 -8.07
N GLY A 75 -2.73 -1.39 -8.81
CA GLY A 75 -3.73 -2.44 -8.99
C GLY A 75 -4.13 -3.10 -7.68
N THR A 76 -3.18 -3.31 -6.78
CA THR A 76 -3.50 -3.90 -5.49
C THR A 76 -4.29 -2.92 -4.61
N VAL A 77 -4.03 -1.62 -4.73
CA VAL A 77 -4.85 -0.66 -4.01
C VAL A 77 -6.29 -0.72 -4.50
N GLY A 78 -6.48 -0.61 -5.81
CA GLY A 78 -7.78 -0.21 -6.31
C GLY A 78 -8.25 -0.71 -7.66
N SER A 79 -7.61 -1.71 -8.28
CA SER A 79 -8.16 -2.25 -9.51
C SER A 79 -9.42 -3.08 -9.24
N ARG A 80 -10.25 -3.22 -10.28
CA ARG A 80 -11.52 -3.92 -10.13
C ARG A 80 -11.34 -5.38 -9.70
N THR A 81 -10.35 -6.08 -10.26
CA THR A 81 -10.15 -7.49 -9.92
C THR A 81 -9.11 -7.66 -8.84
N TYR A 82 -8.02 -6.90 -8.88
CA TYR A 82 -6.87 -7.16 -8.02
C TYR A 82 -6.78 -6.23 -6.82
N GLY A 83 -7.75 -5.33 -6.66
CA GLY A 83 -7.66 -4.28 -5.66
C GLY A 83 -8.49 -4.48 -4.41
N VAL A 84 -7.98 -3.91 -3.32
CA VAL A 84 -8.67 -3.92 -2.03
C VAL A 84 -9.86 -2.96 -2.02
N ALA A 85 -9.65 -1.74 -2.53
CA ALA A 85 -10.62 -0.63 -2.46
C ALA A 85 -11.05 -0.33 -3.90
N LYS A 86 -12.05 -1.07 -4.36
CA LYS A 86 -12.35 -1.15 -5.78
C LYS A 86 -13.03 0.07 -6.35
N LYS A 87 -13.40 1.05 -5.52
CA LYS A 87 -14.02 2.28 -6.00
C LYS A 87 -13.23 3.52 -5.58
N THR A 88 -12.02 3.36 -5.06
CA THR A 88 -11.23 4.53 -4.71
C THR A 88 -10.73 5.24 -5.98
N GLN A 89 -10.35 6.51 -5.81
CA GLN A 89 -9.67 7.25 -6.87
C GLN A 89 -8.16 7.10 -6.66
N LEU A 90 -7.44 6.83 -7.74
CA LEU A 90 -6.00 6.58 -7.69
C LEU A 90 -5.27 7.72 -8.38
N PHE A 91 -4.25 8.26 -7.70
CA PHE A 91 -3.45 9.36 -8.24
C PHE A 91 -2.00 8.93 -8.27
N GLY A 92 -1.39 8.96 -9.45
CA GLY A 92 -0.01 8.55 -9.59
C GLY A 92 0.96 9.72 -9.51
N VAL A 93 2.04 9.51 -8.77
CA VAL A 93 3.12 10.47 -8.63
C VAL A 93 4.40 9.73 -8.98
N LYS A 94 5.02 10.08 -10.11
CA LYS A 94 6.17 9.32 -10.62
C LYS A 94 7.46 9.94 -10.08
N VAL A 95 7.96 9.36 -8.98
CA VAL A 95 9.23 9.73 -8.38
C VAL A 95 10.34 8.77 -8.73
N LEU A 96 10.03 7.62 -9.35
CA LEU A 96 11.01 6.63 -9.73
C LEU A 96 11.05 6.55 -11.26
N ASP A 97 12.25 6.38 -11.79
CA ASP A 97 12.41 6.25 -13.24
C ASP A 97 11.95 4.87 -13.70
N ASP A 98 12.07 4.62 -15.00
CA ASP A 98 11.56 3.38 -15.55
C ASP A 98 12.41 2.16 -15.21
N ASN A 99 13.58 2.35 -14.61
CA ASN A 99 14.32 1.26 -14.01
C ASN A 99 14.00 1.06 -12.54
N GLY A 100 13.06 1.83 -11.99
CA GLY A 100 12.70 1.70 -10.59
C GLY A 100 13.57 2.48 -9.63
N SER A 101 14.42 3.37 -10.11
CA SER A 101 15.36 4.09 -9.26
C SER A 101 14.95 5.56 -9.15
N GLY A 102 15.31 6.17 -8.02
CA GLY A 102 15.03 7.58 -7.84
C GLY A 102 15.86 8.17 -6.73
N GLN A 103 16.20 9.45 -6.89
CA GLN A 103 16.97 10.15 -5.88
C GLN A 103 16.09 10.53 -4.70
N TYR A 104 16.67 10.49 -3.51
CA TYR A 104 15.91 10.84 -2.30
C TYR A 104 15.32 12.24 -2.40
N SER A 105 16.03 13.18 -3.00
CA SER A 105 15.51 14.54 -3.09
C SER A 105 14.22 14.58 -3.92
N THR A 106 14.14 13.78 -4.97
CA THR A 106 12.92 13.70 -5.76
C THR A 106 11.80 13.04 -5.00
N ILE A 107 12.12 11.97 -4.26
CA ILE A 107 11.13 11.28 -3.45
C ILE A 107 10.55 12.23 -2.39
N ILE A 108 11.42 13.02 -1.75
CA ILE A 108 10.97 14.00 -0.77
C ILE A 108 10.06 15.02 -1.43
N ALA A 109 10.45 15.54 -2.59
CA ALA A 109 9.59 16.48 -3.31
C ALA A 109 8.23 15.86 -3.60
N GLY A 110 8.20 14.59 -3.98
CA GLY A 110 6.93 13.94 -4.26
C GLY A 110 6.03 13.82 -3.06
N MET A 111 6.62 13.56 -1.88
CA MET A 111 5.82 13.50 -0.66
C MET A 111 5.25 14.87 -0.31
N ASP A 112 6.08 15.91 -0.38
CA ASP A 112 5.55 17.25 -0.13
C ASP A 112 4.52 17.65 -1.18
N PHE A 113 4.68 17.18 -2.41
CA PHE A 113 3.69 17.42 -3.44
C PHE A 113 2.33 16.87 -3.02
N VAL A 114 2.30 15.61 -2.55
CA VAL A 114 1.02 15.01 -2.16
C VAL A 114 0.38 15.77 -1.00
N ALA A 115 1.19 16.20 -0.04
CA ALA A 115 0.63 16.92 1.11
C ALA A 115 -0.12 18.17 0.66
N SER A 116 0.36 18.83 -0.38
CA SER A 116 -0.35 19.98 -0.92
C SER A 116 -1.43 19.61 -1.92
N ASP A 117 -1.10 18.67 -2.82
CA ASP A 117 -1.98 18.35 -3.93
C ASP A 117 -3.32 17.79 -3.48
N LYS A 118 -3.38 17.17 -2.31
CA LYS A 118 -4.68 16.65 -1.87
C LYS A 118 -5.70 17.77 -1.76
N ASN A 119 -5.26 19.01 -1.53
CA ASN A 119 -6.16 20.16 -1.48
C ASN A 119 -6.71 20.54 -2.85
N ASN A 120 -6.22 19.91 -3.92
CA ASN A 120 -6.73 20.09 -5.27
C ASN A 120 -7.60 18.93 -5.72
N ARG A 121 -7.90 17.99 -4.83
CA ARG A 121 -8.64 16.79 -5.18
C ARG A 121 -9.86 16.67 -4.29
N ASN A 122 -10.86 15.93 -4.79
CA ASN A 122 -12.08 15.65 -4.04
C ASN A 122 -12.00 14.27 -3.41
N CYS A 123 -11.78 14.28 -2.10
CA CYS A 123 -11.55 13.05 -1.32
C CYS A 123 -12.31 13.19 0.00
N PRO A 124 -13.64 13.31 -0.06
CA PRO A 124 -14.39 13.59 1.17
C PRO A 124 -14.23 12.53 2.25
N LYS A 125 -13.93 11.29 1.88
CA LYS A 125 -13.75 10.24 2.87
C LYS A 125 -12.32 10.11 3.36
N GLY A 126 -11.37 10.80 2.74
CA GLY A 126 -10.00 10.80 3.24
C GLY A 126 -9.00 10.42 2.16
N VAL A 127 -7.73 10.60 2.55
CA VAL A 127 -6.59 10.52 1.63
C VAL A 127 -5.55 9.57 2.21
N VAL A 128 -5.01 8.72 1.35
CA VAL A 128 -3.98 7.74 1.68
C VAL A 128 -2.83 7.92 0.69
N ALA A 129 -1.61 7.61 1.12
CA ALA A 129 -0.47 7.55 0.23
C ALA A 129 0.25 6.23 0.44
N SER A 130 0.58 5.56 -0.66
CA SER A 130 1.25 4.26 -0.65
C SER A 130 2.65 4.45 -1.22
N LEU A 131 3.66 4.10 -0.42
CA LEU A 131 5.08 4.28 -0.77
C LEU A 131 5.78 2.93 -0.74
N SER A 132 5.77 2.25 -1.89
CA SER A 132 6.45 0.97 -2.05
C SER A 132 7.87 1.20 -2.54
N LEU A 133 8.65 1.87 -1.70
CA LEU A 133 10.01 2.27 -2.06
C LEU A 133 10.76 2.56 -0.77
N GLY A 134 12.08 2.65 -0.90
CA GLY A 134 12.90 3.04 0.21
C GLY A 134 14.36 2.81 -0.08
N GLY A 135 15.18 3.22 0.88
CA GLY A 135 16.62 3.01 0.80
C GLY A 135 17.19 3.11 2.20
N GLY A 136 18.48 3.42 2.28
CA GLY A 136 19.13 3.52 3.57
C GLY A 136 18.59 4.66 4.43
N TYR A 137 18.86 4.59 5.73
CA TYR A 137 18.33 5.56 6.67
C TYR A 137 18.66 6.98 6.25
N SER A 138 17.63 7.84 6.27
CA SER A 138 17.78 9.26 5.98
C SER A 138 16.79 10.01 6.86
N SER A 139 17.30 10.89 7.72
CA SER A 139 16.39 11.68 8.53
C SER A 139 15.53 12.59 7.68
N SER A 140 16.05 13.09 6.56
CA SER A 140 15.26 13.97 5.71
C SER A 140 14.12 13.22 5.04
N VAL A 141 14.37 11.98 4.60
CA VAL A 141 13.30 11.19 4.02
C VAL A 141 12.24 10.87 5.07
N ASN A 142 12.67 10.49 6.27
CA ASN A 142 11.71 10.21 7.34
C ASN A 142 10.89 11.44 7.67
N SER A 143 11.53 12.61 7.72
CA SER A 143 10.81 13.83 8.05
C SER A 143 9.76 14.16 6.98
N ALA A 144 10.08 13.90 5.72
CA ALA A 144 9.11 14.14 4.66
C ALA A 144 7.89 13.24 4.82
N ALA A 145 8.12 11.97 5.14
CA ALA A 145 7.01 11.06 5.38
C ALA A 145 6.19 11.51 6.60
N ALA A 146 6.87 11.98 7.64
CA ALA A 146 6.18 12.49 8.81
C ALA A 146 5.34 13.72 8.49
N ARG A 147 5.86 14.62 7.65
CA ARG A 147 5.06 15.78 7.24
C ARG A 147 3.82 15.35 6.47
N LEU A 148 3.99 14.41 5.54
CA LEU A 148 2.85 13.96 4.76
C LEU A 148 1.76 13.40 5.66
N GLN A 149 2.16 12.57 6.63
CA GLN A 149 1.21 12.03 7.59
C GLN A 149 0.56 13.14 8.41
N SER A 150 1.37 14.06 8.93
CA SER A 150 0.86 15.18 9.72
C SER A 150 -0.17 16.01 8.96
N SER A 151 0.01 16.14 7.64
CA SER A 151 -0.88 16.95 6.84
C SER A 151 -2.27 16.34 6.68
N GLY A 152 -2.48 15.11 7.14
CA GLY A 152 -3.80 14.48 7.05
C GLY A 152 -3.90 13.39 6.01
N VAL A 153 -2.78 12.73 5.71
CA VAL A 153 -2.73 11.63 4.76
C VAL A 153 -2.29 10.38 5.51
N MET A 154 -3.02 9.28 5.32
CA MET A 154 -2.60 8.00 5.89
C MET A 154 -1.43 7.49 5.05
N VAL A 155 -0.22 7.48 5.63
CA VAL A 155 0.97 7.08 4.91
C VAL A 155 1.31 5.64 5.24
N ALA A 156 1.35 4.80 4.20
CA ALA A 156 1.78 3.40 4.32
C ALA A 156 3.07 3.23 3.53
N VAL A 157 4.10 2.66 4.17
CA VAL A 157 5.40 2.50 3.55
C VAL A 157 5.86 1.06 3.67
N ALA A 158 6.63 0.62 2.67
CA ALA A 158 7.19 -0.73 2.68
C ALA A 158 8.31 -0.85 3.70
N ALA A 159 8.36 -1.99 4.39
CA ALA A 159 9.42 -2.21 5.38
C ALA A 159 10.78 -2.43 4.73
N GLY A 160 10.80 -2.94 3.50
CA GLY A 160 12.03 -3.30 2.83
C GLY A 160 12.21 -4.81 2.76
N ASN A 161 13.18 -5.21 1.92
CA ASN A 161 13.28 -6.59 1.43
C ASN A 161 14.64 -7.20 1.68
N ASN A 162 15.27 -6.84 2.79
CA ASN A 162 16.62 -7.26 3.11
C ASN A 162 16.66 -8.35 4.17
N ASN A 163 15.52 -8.86 4.62
CA ASN A 163 15.46 -9.77 5.76
C ASN A 163 16.30 -9.21 6.92
N ALA A 164 16.07 -7.93 7.23
CA ALA A 164 16.87 -7.21 8.19
C ALA A 164 15.98 -6.28 9.01
N ASP A 165 16.56 -5.66 10.03
CA ASP A 165 15.78 -4.75 10.85
C ASP A 165 15.52 -3.48 10.05
N ALA A 166 14.23 -3.11 9.93
CA ALA A 166 13.82 -1.96 9.15
C ALA A 166 14.26 -0.62 9.76
N ARG A 167 14.82 -0.63 10.98
CA ARG A 167 15.29 0.63 11.57
C ARG A 167 16.36 1.30 10.72
N ASN A 168 17.02 0.56 9.84
CA ASN A 168 18.12 1.09 9.03
C ASN A 168 17.69 1.51 7.63
N TYR A 169 16.38 1.66 7.40
CA TYR A 169 15.85 2.01 6.10
C TYR A 169 14.85 3.14 6.23
N SER A 170 14.68 3.92 5.16
CA SER A 170 13.77 5.04 5.14
C SER A 170 12.95 5.01 3.85
N PRO A 171 11.67 5.42 3.91
CA PRO A 171 10.96 5.91 5.09
C PRO A 171 10.46 4.85 6.07
N ALA A 172 10.85 3.58 5.87
CA ALA A 172 10.39 2.48 6.74
C ALA A 172 10.56 2.80 8.23
N SER A 173 11.66 3.44 8.59
CA SER A 173 11.98 3.64 10.00
C SER A 173 11.29 4.84 10.62
N GLU A 174 10.49 5.60 9.88
CA GLU A 174 9.80 6.75 10.46
C GLU A 174 8.69 6.28 11.40
N PRO A 175 8.72 6.67 12.68
CA PRO A 175 7.73 6.10 13.62
C PRO A 175 6.30 6.48 13.30
N SER A 176 6.05 7.67 12.75
CA SER A 176 4.69 8.17 12.67
C SER A 176 3.91 7.65 11.45
N VAL A 177 4.54 6.92 10.54
CA VAL A 177 3.84 6.35 9.40
C VAL A 177 3.63 4.86 9.63
N CYS A 178 2.89 4.21 8.73
CA CYS A 178 2.52 2.81 8.89
C CYS A 178 3.49 1.96 8.08
N THR A 179 4.38 1.25 8.77
CA THR A 179 5.41 0.45 8.12
C THR A 179 4.95 -0.99 7.97
N VAL A 180 4.99 -1.50 6.74
CA VAL A 180 4.30 -2.73 6.35
C VAL A 180 5.30 -3.81 5.97
N GLY A 181 5.27 -4.94 6.72
CA GLY A 181 6.00 -6.14 6.33
C GLY A 181 5.15 -7.05 5.46
N ALA A 182 5.78 -8.11 4.95
CA ALA A 182 5.14 -9.01 3.99
C ALA A 182 5.00 -10.42 4.55
N SER A 183 3.87 -11.06 4.21
CA SER A 183 3.58 -12.45 4.52
C SER A 183 3.23 -13.22 3.25
N ASP A 184 3.24 -14.56 3.38
CA ASP A 184 2.89 -15.45 2.29
C ASP A 184 1.54 -16.14 2.55
N ARG A 185 1.11 -16.94 1.56
CA ARG A 185 -0.22 -17.50 1.59
C ARG A 185 -0.41 -18.55 2.68
N TYR A 186 0.67 -19.03 3.28
CA TYR A 186 0.63 -19.96 4.40
C TYR A 186 0.84 -19.27 5.73
N ASP A 187 0.70 -17.93 5.76
CA ASP A 187 0.84 -17.16 6.99
C ASP A 187 2.25 -17.24 7.57
N ARG A 188 3.25 -17.33 6.70
CA ARG A 188 4.64 -17.22 7.10
C ARG A 188 5.14 -15.83 6.75
N ARG A 189 5.99 -15.26 7.58
CA ARG A 189 6.71 -14.06 7.18
C ARG A 189 7.41 -14.33 5.85
N SER A 190 7.25 -13.43 4.89
CA SER A 190 7.94 -13.61 3.62
C SER A 190 9.44 -13.65 3.85
N SER A 191 10.12 -14.47 3.06
CA SER A 191 11.54 -14.75 3.32
C SER A 191 12.40 -13.50 3.28
N PHE A 192 12.04 -12.52 2.45
CA PHE A 192 12.78 -11.30 2.27
C PHE A 192 12.31 -10.17 3.19
N SER A 193 11.20 -10.34 3.91
CA SER A 193 10.61 -9.19 4.59
C SER A 193 11.51 -8.68 5.70
N ASN A 194 11.74 -7.38 5.72
CA ASN A 194 12.32 -6.76 6.90
C ASN A 194 11.38 -6.94 8.10
N TYR A 195 11.93 -6.68 9.28
CA TYR A 195 11.24 -6.88 10.55
C TYR A 195 11.71 -5.80 11.51
N GLY A 196 11.32 -5.93 12.77
CA GLY A 196 11.79 -5.03 13.81
C GLY A 196 10.66 -4.26 14.47
N SER A 197 11.04 -3.53 15.51
CA SER A 197 10.08 -2.77 16.30
C SER A 197 9.35 -1.69 15.49
N VAL A 198 9.96 -1.21 14.41
CA VAL A 198 9.34 -0.13 13.65
C VAL A 198 8.18 -0.63 12.78
N LEU A 199 8.06 -1.93 12.54
CA LEU A 199 6.92 -2.43 11.79
C LEU A 199 5.64 -2.25 12.57
N ASP A 200 4.57 -1.89 11.86
CA ASP A 200 3.25 -1.75 12.45
C ASP A 200 2.30 -2.89 12.09
N ILE A 201 2.53 -3.56 10.98
CA ILE A 201 1.53 -4.45 10.42
C ILE A 201 2.19 -5.27 9.32
N PHE A 202 1.64 -6.44 9.05
CA PHE A 202 1.99 -7.25 7.88
C PHE A 202 0.81 -7.30 6.93
N GLY A 203 1.13 -7.41 5.65
CA GLY A 203 0.14 -7.69 4.63
C GLY A 203 0.67 -8.69 3.63
N PRO A 204 -0.22 -9.21 2.78
CA PRO A 204 0.20 -10.19 1.76
C PRO A 204 1.25 -9.61 0.83
N GLY A 205 2.39 -10.31 0.70
CA GLY A 205 3.48 -9.83 -0.11
C GLY A 205 4.19 -10.83 -0.99
N THR A 206 3.93 -12.12 -0.84
CA THR A 206 4.56 -13.14 -1.67
C THR A 206 3.57 -13.64 -2.72
N ASP A 207 3.97 -13.59 -3.99
CA ASP A 207 3.19 -14.10 -5.11
C ASP A 207 1.84 -13.40 -5.23
N ILE A 208 1.91 -12.08 -5.45
CA ILE A 208 0.74 -11.21 -5.51
C ILE A 208 0.43 -10.89 -6.97
N LEU A 209 -0.74 -11.33 -7.43
CA LEU A 209 -1.23 -11.04 -8.77
C LEU A 209 -1.84 -9.65 -8.82
N SER A 210 -1.44 -8.86 -9.81
CA SER A 210 -2.01 -7.53 -10.01
C SER A 210 -1.77 -7.11 -11.45
N THR A 211 -2.18 -5.87 -11.74
CA THR A 211 -2.02 -5.26 -13.05
C THR A 211 -0.55 -5.05 -13.40
N TRP A 212 -0.28 -5.01 -14.70
CA TRP A 212 1.04 -4.69 -15.21
C TRP A 212 0.87 -3.85 -16.47
N ILE A 213 1.96 -3.26 -16.92
CA ILE A 213 1.92 -2.41 -18.10
C ILE A 213 1.65 -3.24 -19.36
N GLY A 214 1.24 -2.55 -20.41
CA GLY A 214 0.75 -3.23 -21.60
C GLY A 214 -0.61 -3.88 -21.42
N GLY A 215 -1.41 -3.39 -20.48
CA GLY A 215 -2.73 -3.95 -20.25
C GLY A 215 -2.70 -5.38 -19.77
N SER A 216 -1.66 -5.77 -19.02
CA SER A 216 -1.43 -7.16 -18.69
C SER A 216 -1.57 -7.36 -17.17
N THR A 217 -1.17 -8.54 -16.70
CA THR A 217 -1.15 -8.87 -15.29
C THR A 217 0.06 -9.76 -15.03
N ARG A 218 0.53 -9.76 -13.78
CA ARG A 218 1.55 -10.70 -13.37
C ARG A 218 1.60 -10.78 -11.86
N SER A 219 2.24 -11.84 -11.38
CA SER A 219 2.45 -12.07 -9.96
C SER A 219 3.90 -11.78 -9.60
N ILE A 220 4.12 -10.90 -8.62
CA ILE A 220 5.45 -10.58 -8.12
C ILE A 220 5.37 -10.51 -6.59
N SER A 221 6.55 -10.39 -5.96
CA SER A 221 6.67 -10.45 -4.51
C SER A 221 7.48 -9.27 -3.98
N GLY A 222 7.13 -8.85 -2.77
CA GLY A 222 7.89 -7.83 -2.09
C GLY A 222 7.09 -7.17 -1.00
N THR A 223 7.79 -6.47 -0.11
CA THR A 223 7.06 -5.57 0.79
C THR A 223 6.38 -4.46 0.00
N SER A 224 6.84 -4.20 -1.22
CA SER A 224 6.14 -3.29 -2.13
C SER A 224 4.73 -3.76 -2.45
N MET A 225 4.47 -5.07 -2.39
CA MET A 225 3.15 -5.61 -2.68
C MET A 225 2.27 -5.63 -1.44
N ALA A 226 2.88 -5.78 -0.27
CA ALA A 226 2.12 -5.76 0.98
C ALA A 226 1.59 -4.37 1.28
N THR A 227 2.43 -3.36 1.04
CA THR A 227 2.08 -1.97 1.35
C THR A 227 0.76 -1.52 0.73
N PRO A 228 0.51 -1.73 -0.57
CA PRO A 228 -0.76 -1.29 -1.14
C PRO A 228 -1.97 -2.07 -0.62
N HIS A 229 -1.80 -3.28 -0.11
CA HIS A 229 -2.92 -3.93 0.57
C HIS A 229 -3.35 -3.10 1.76
N VAL A 230 -2.38 -2.62 2.55
CA VAL A 230 -2.68 -1.81 3.71
C VAL A 230 -3.21 -0.45 3.33
N ALA A 231 -2.63 0.17 2.29
CA ALA A 231 -3.13 1.47 1.82
C ALA A 231 -4.57 1.36 1.36
N GLY A 232 -4.88 0.34 0.55
CA GLY A 232 -6.25 0.13 0.12
C GLY A 232 -7.18 -0.17 1.27
N LEU A 233 -6.71 -0.96 2.25
CA LEU A 233 -7.52 -1.23 3.42
C LEU A 233 -7.85 0.05 4.18
N ALA A 234 -6.85 0.92 4.35
CA ALA A 234 -7.09 2.19 5.01
C ALA A 234 -8.16 3.01 4.29
N ALA A 235 -8.05 3.11 2.96
CA ALA A 235 -9.04 3.87 2.20
C ALA A 235 -10.43 3.28 2.38
N TYR A 236 -10.53 1.96 2.33
CA TYR A 236 -11.79 1.26 2.53
C TYR A 236 -12.38 1.55 3.91
N LEU A 237 -11.55 1.50 4.96
CA LEU A 237 -12.03 1.72 6.32
C LEU A 237 -12.41 3.17 6.55
N MET A 238 -11.68 4.10 5.93
CA MET A 238 -12.02 5.51 6.03
C MET A 238 -13.35 5.81 5.33
N THR A 239 -13.60 5.20 4.17
CA THR A 239 -14.90 5.38 3.52
C THR A 239 -16.02 4.86 4.40
N LEU A 240 -15.78 3.76 5.12
CA LEU A 240 -16.78 3.24 6.04
C LEU A 240 -16.97 4.11 7.28
N GLY A 241 -16.12 5.10 7.50
CA GLY A 241 -16.21 5.92 8.68
C GLY A 241 -15.66 5.29 9.94
N LYS A 242 -14.93 4.17 9.82
CA LYS A 242 -14.44 3.50 11.01
C LYS A 242 -13.17 4.10 11.58
N THR A 243 -12.45 4.88 10.79
CA THR A 243 -11.19 5.47 11.21
C THR A 243 -10.90 6.68 10.34
N THR A 244 -9.79 7.35 10.62
CA THR A 244 -9.35 8.56 9.97
C THR A 244 -7.91 8.38 9.53
N ALA A 245 -7.40 9.33 8.74
CA ALA A 245 -6.01 9.23 8.28
C ALA A 245 -5.04 9.19 9.45
N ALA A 246 -5.31 9.97 10.50
CA ALA A 246 -4.39 10.05 11.62
C ALA A 246 -4.38 8.77 12.44
N SER A 247 -5.50 8.04 12.45
CA SER A 247 -5.68 6.91 13.34
C SER A 247 -5.72 5.55 12.64
N ALA A 248 -5.64 5.52 11.31
CA ALA A 248 -5.91 4.30 10.57
C ALA A 248 -4.87 3.22 10.82
N CYS A 249 -3.58 3.58 10.90
CA CYS A 249 -2.57 2.56 11.15
C CYS A 249 -2.82 1.87 12.48
N ARG A 250 -3.09 2.66 13.52
CA ARG A 250 -3.37 2.09 14.83
C ARG A 250 -4.65 1.27 14.81
N TYR A 251 -5.68 1.75 14.09
CA TYR A 251 -6.93 0.99 13.98
C TYR A 251 -6.70 -0.34 13.27
N ILE A 252 -5.91 -0.34 12.19
CA ILE A 252 -5.60 -1.57 11.49
C ILE A 252 -4.86 -2.53 12.41
N ALA A 253 -3.91 -2.02 13.19
CA ALA A 253 -3.23 -2.87 14.18
C ALA A 253 -4.19 -3.39 15.24
N ASP A 254 -5.09 -2.53 15.74
CA ASP A 254 -6.10 -2.92 16.74
C ASP A 254 -6.94 -4.10 16.25
N THR A 255 -7.33 -4.06 14.98
CA THR A 255 -8.31 -4.97 14.44
C THR A 255 -7.68 -6.09 13.62
N ALA A 256 -6.35 -6.19 13.64
CA ALA A 256 -5.65 -7.17 12.85
C ALA A 256 -5.90 -8.59 13.36
N ASN A 257 -5.62 -9.57 12.51
CA ASN A 257 -5.48 -10.94 12.97
C ASN A 257 -4.17 -11.03 13.75
N LYS A 258 -4.23 -11.54 14.98
CA LYS A 258 -3.11 -11.46 15.92
C LYS A 258 -2.52 -12.83 16.19
N GLY A 259 -1.20 -12.93 16.13
CA GLY A 259 -0.52 -14.14 16.53
C GLY A 259 -0.61 -15.28 15.54
N ASP A 260 -0.97 -14.99 14.29
CA ASP A 260 -1.20 -16.04 13.31
C ASP A 260 -0.04 -16.26 12.34
N LEU A 261 0.98 -15.40 12.34
CA LEU A 261 2.09 -15.52 11.41
C LEU A 261 3.23 -16.30 12.05
N SER A 262 3.93 -17.09 11.23
CA SER A 262 5.11 -17.80 11.67
C SER A 262 6.37 -17.06 11.24
N ASN A 263 7.46 -17.39 11.94
CA ASN A 263 8.79 -16.81 11.73
C ASN A 263 8.80 -15.30 11.92
N ILE A 264 8.04 -14.81 12.89
CA ILE A 264 8.10 -13.41 13.29
C ILE A 264 9.15 -13.30 14.40
N PRO A 265 10.21 -12.52 14.21
CA PRO A 265 11.25 -12.44 15.24
C PRO A 265 10.69 -11.85 16.51
N PHE A 266 11.24 -12.31 17.63
CA PHE A 266 10.90 -11.74 18.93
C PHE A 266 11.08 -10.23 18.88
N GLY A 267 10.05 -9.50 19.28
CA GLY A 267 10.08 -8.05 19.27
C GLY A 267 9.45 -7.39 18.07
N THR A 268 9.02 -8.16 17.07
CA THR A 268 8.28 -7.65 15.92
C THR A 268 6.81 -8.01 16.10
N VAL A 269 5.91 -7.09 15.74
CA VAL A 269 4.49 -7.35 15.91
C VAL A 269 4.07 -8.56 15.08
N ASN A 270 3.15 -9.34 15.62
CA ASN A 270 2.56 -10.46 14.90
C ASN A 270 1.11 -10.09 14.60
N LEU A 271 0.94 -9.25 13.57
CA LEU A 271 -0.34 -8.63 13.23
C LEU A 271 -0.48 -8.65 11.73
N LEU A 272 -1.60 -9.19 11.25
CA LEU A 272 -1.87 -9.33 9.83
C LEU A 272 -3.13 -8.54 9.49
N ALA A 273 -3.02 -7.63 8.52
CA ALA A 273 -4.12 -6.74 8.15
C ALA A 273 -5.41 -7.51 7.86
N TYR A 274 -6.52 -7.00 8.38
CA TYR A 274 -7.80 -7.69 8.34
C TYR A 274 -8.93 -6.67 8.33
N ASN A 275 -9.88 -6.83 7.40
CA ASN A 275 -10.94 -5.83 7.26
C ASN A 275 -12.10 -6.03 8.22
N ASN A 276 -12.16 -7.14 8.96
CA ASN A 276 -13.23 -7.42 9.91
C ASN A 276 -14.61 -7.26 9.27
N TYR A 277 -14.73 -7.57 7.99
CA TYR A 277 -16.02 -7.46 7.34
C TYR A 277 -16.85 -8.70 7.65
N GLN A 278 -18.06 -8.47 8.15
CA GLN A 278 -19.03 -9.54 8.38
C GLN A 278 -20.09 -9.44 7.29
N ALA A 279 -20.04 -10.35 6.32
CA ALA A 279 -21.03 -10.40 5.26
C ALA A 279 -22.43 -10.63 5.82
S SO4 B . -3.30 -16.79 -6.33
O1 SO4 B . -1.84 -16.80 -6.37
O2 SO4 B . -3.77 -17.67 -5.27
O3 SO4 B . -3.75 -15.44 -6.07
O4 SO4 B . -3.81 -17.29 -7.61
C4 47E C . 12.65 -0.01 2.09
C5 47E C . 11.59 -0.25 1.23
C6 47E C . 11.80 -0.88 0.02
C7 47E C . 13.07 -1.31 -0.32
CL 47E C . 10.48 -1.21 -1.10
C3 47E C . 13.92 -0.43 1.74
C2 47E C . 14.13 -1.07 0.53
C1 47E C . 15.52 -1.55 0.12
O2 47E C . 16.33 -1.66 1.26
C 47E C . 15.41 -2.92 -0.52
O 47E C . 15.23 -3.93 0.20
O1 47E C . 15.49 -3.04 -1.78
C4 47E D . 17.36 6.75 1.01
C5 47E D . 15.97 6.76 0.97
C6 47E D . 15.31 6.70 -0.23
C7 47E D . 16.01 6.62 -1.42
CL 47E D . 13.51 6.71 -0.26
C3 47E D . 18.07 6.67 -0.18
C2 47E D . 17.40 6.60 -1.39
C1 47E D . 18.20 6.52 -2.69
O2 47E D . 17.32 6.51 -3.78
C 47E D . 19.16 7.70 -2.80
O 47E D . 20.18 7.76 -2.05
O1 47E D . 18.94 8.61 -3.62
#